data_9HWX
#
_entry.id   9HWX
#
_cell.length_a   103.568
_cell.length_b   103.568
_cell.length_c   54.622
_cell.angle_alpha   90.000
_cell.angle_beta   90.000
_cell.angle_gamma   120.000
#
_symmetry.space_group_name_H-M   'P 61'
#
loop_
_entity.id
_entity.type
_entity.pdbx_description
1 polymer 'Kelch-like ECH-associated protein 1'
2 non-polymer '(3~{S})-3-[7-[2-(cycloheptylamino)-2-oxidanylidene-ethoxy]naphthalen-2-yl]-3-(2,3-dihydro-1,4-benzodioxin-6-yl)propanoic acid'
3 non-polymer 'SULFATE ION'
4 non-polymer 'DIMETHYL SULFOXIDE'
5 water water
#
_entity_poly.entity_id   1
_entity_poly.type   'polypeptide(L)'
_entity_poly.pdbx_seq_one_letter_code
;GPKVGRLIYTAGGYFRQSLSYLEAYNPSNGSWLRLADLQVPRSGLAGCVVGGLLYAVGGRNNSPDGNTDSSALDCYNPMT
NQWSPCASMSVPRNRIGVGVIDGHIYAVGGSHGCIHHSSVERYEPERDEWHLVAPMLTRRIGVGVAVLNRLLYAVGGFDG
TNRLNSAECYYPERNEWRMITPMNTIRSGAGVCVLHNCIYAAGGYDGQDQLNSVERYDVETETWTFVAPMRHHRSALGIT
VHQGKIYVLGGYDGHTFLDSVECYDPDSDTWSEVTRMTSGRSGVGVAVTMEPCRKQIDQQNCTC
;
_entity_poly.pdbx_strand_id   A
#
loop_
_chem_comp.id
_chem_comp.type
_chem_comp.name
_chem_comp.formula
A1IX1 non-polymer '(3~{S})-3-[7-[2-(cycloheptylamino)-2-oxidanylidene-ethoxy]naphthalen-2-yl]-3-(2,3-dihydro-1,4-benzodioxin-6-yl)propanoic acid' 'C30 H33 N O6'
DMS non-polymer 'DIMETHYL SULFOXIDE' 'C2 H6 O S'
SO4 non-polymer 'SULFATE ION' 'O4 S -2'
#
# COMPACT_ATOMS: atom_id res chain seq x y z
N VAL A 4 -3.92 1.32 -22.77
CA VAL A 4 -2.65 0.66 -23.06
C VAL A 4 -1.49 1.49 -22.50
N GLY A 5 -0.32 0.86 -22.40
CA GLY A 5 0.88 1.57 -22.02
C GLY A 5 1.00 1.90 -20.55
N ARG A 6 0.31 1.16 -19.67
CA ARG A 6 0.41 1.38 -18.23
C ARG A 6 1.33 0.34 -17.61
N LEU A 7 2.11 0.78 -16.62
CA LEU A 7 3.12 -0.05 -15.97
C LEU A 7 2.88 -0.11 -14.47
N ILE A 8 3.32 -1.21 -13.86
CA ILE A 8 3.31 -1.33 -12.40
C ILE A 8 4.65 -0.83 -11.84
N TYR A 9 4.60 0.24 -11.07
CA TYR A 9 5.76 0.85 -10.44
C TYR A 9 5.92 0.39 -9.01
N THR A 10 7.15 0.03 -8.65
CA THR A 10 7.49 -0.31 -7.28
C THR A 10 8.55 0.67 -6.80
N ALA A 11 8.29 1.33 -5.67
CA ALA A 11 9.18 2.36 -5.15
C ALA A 11 9.64 1.99 -3.75
N GLY A 12 10.94 2.17 -3.49
CA GLY A 12 11.44 1.98 -2.15
C GLY A 12 11.48 0.52 -1.75
N GLY A 13 11.37 0.29 -0.45
CA GLY A 13 11.35 -1.03 0.12
C GLY A 13 12.49 -1.25 1.11
N TYR A 14 12.65 -2.51 1.48
CA TYR A 14 13.61 -2.87 2.52
C TYR A 14 14.28 -4.18 2.18
N PHE A 15 15.61 -4.18 2.27
CA PHE A 15 16.40 -5.41 2.26
C PHE A 15 17.71 -5.04 2.94
N ARG A 16 17.89 -5.49 4.18
CA ARG A 16 19.08 -5.13 4.95
C ARG A 16 18.99 -3.67 5.39
N GLN A 17 18.55 -2.78 4.49
CA GLN A 17 18.30 -1.38 4.80
C GLN A 17 17.19 -0.85 3.90
N SER A 18 16.73 0.36 4.17
CA SER A 18 15.74 0.94 3.27
C SER A 18 16.40 1.30 1.94
N LEU A 19 15.57 1.27 0.87
CA LEU A 19 16.03 1.29 -0.51
C LEU A 19 15.45 2.49 -1.26
N SER A 20 16.19 2.99 -2.25
CA SER A 20 15.72 4.10 -3.06
C SER A 20 15.21 3.68 -4.43
N TYR A 21 15.06 2.37 -4.68
CA TYR A 21 14.79 1.93 -6.05
C TYR A 21 13.42 2.41 -6.53
N LEU A 22 13.38 2.81 -7.81
CA LEU A 22 12.13 2.96 -8.56
C LEU A 22 12.25 2.05 -9.76
N GLU A 23 11.42 0.99 -9.84
CA GLU A 23 11.46 0.06 -10.96
C GLU A 23 10.04 -0.15 -11.44
N ALA A 24 9.89 -0.38 -12.74
CA ALA A 24 8.56 -0.48 -13.35
C ALA A 24 8.49 -1.72 -14.21
N TYR A 25 7.42 -2.49 -14.03
CA TYR A 25 7.20 -3.76 -14.70
C TYR A 25 6.10 -3.60 -15.73
N ASN A 26 6.32 -4.16 -16.93
CA ASN A 26 5.32 -4.13 -18.00
C ASN A 26 4.67 -5.49 -18.10
N PRO A 27 3.42 -5.67 -17.66
CA PRO A 27 2.79 -7.01 -17.76
C PRO A 27 2.63 -7.49 -19.18
N SER A 28 2.69 -6.60 -20.17
CA SER A 28 2.44 -7.00 -21.55
C SER A 28 3.62 -7.74 -22.18
N ASN A 29 4.86 -7.44 -21.75
CA ASN A 29 6.04 -8.10 -22.31
C ASN A 29 7.04 -8.60 -21.27
N GLY A 30 6.71 -8.50 -19.98
CA GLY A 30 7.56 -9.04 -18.92
C GLY A 30 8.73 -8.17 -18.50
N SER A 31 8.91 -7.01 -19.13
CA SER A 31 10.13 -6.24 -18.95
C SER A 31 10.09 -5.42 -17.67
N TRP A 32 11.28 -5.19 -17.10
CA TRP A 32 11.50 -4.34 -15.95
C TRP A 32 12.43 -3.21 -16.34
N LEU A 33 12.10 -1.99 -15.88
CA LEU A 33 12.92 -0.81 -16.11
C LEU A 33 13.37 -0.25 -14.77
N ARG A 34 14.65 0.07 -14.63
CA ARG A 34 15.11 0.80 -13.45
C ARG A 34 15.07 2.30 -13.74
N LEU A 35 14.38 3.05 -12.89
CA LEU A 35 14.11 4.46 -13.12
C LEU A 35 14.78 5.29 -12.01
N ALA A 36 14.49 6.59 -12.01
CA ALA A 36 15.18 7.51 -11.12
C ALA A 36 15.01 7.09 -9.66
N ASP A 37 16.11 7.05 -8.91
CA ASP A 37 16.04 6.73 -7.49
C ASP A 37 15.23 7.76 -6.75
N LEU A 38 14.52 7.32 -5.70
CA LEU A 38 14.01 8.25 -4.69
C LEU A 38 15.16 9.10 -4.20
N GLN A 39 14.89 10.39 -3.93
CA GLN A 39 15.88 11.24 -3.28
C GLN A 39 16.30 10.66 -1.93
N VAL A 40 15.35 10.21 -1.13
CA VAL A 40 15.62 9.64 0.18
C VAL A 40 15.12 8.19 0.18
N PRO A 41 15.96 7.21 0.49
CA PRO A 41 15.48 5.83 0.59
C PRO A 41 14.40 5.72 1.64
N ARG A 42 13.39 4.92 1.34
CA ARG A 42 12.33 4.73 2.30
C ARG A 42 11.75 3.34 2.16
N SER A 43 11.41 2.73 3.29
CA SER A 43 10.52 1.58 3.37
C SER A 43 9.27 2.00 4.12
N GLY A 44 8.30 1.11 4.10
CA GLY A 44 7.05 1.38 4.80
C GLY A 44 6.27 2.54 4.26
N LEU A 45 6.55 2.94 3.02
CA LEU A 45 5.84 4.01 2.32
C LEU A 45 4.65 3.44 1.52
N ALA A 46 3.81 4.34 0.98
CA ALA A 46 2.70 3.95 0.15
C ALA A 46 2.82 4.71 -1.15
N GLY A 47 2.39 4.10 -2.23
CA GLY A 47 2.36 4.76 -3.52
C GLY A 47 0.93 4.92 -4.00
N CYS A 48 0.71 5.96 -4.78
CA CYS A 48 -0.59 6.14 -5.43
C CYS A 48 -0.36 7.02 -6.63
N VAL A 49 -1.39 7.16 -7.45
CA VAL A 49 -1.28 7.94 -8.68
C VAL A 49 -2.47 8.85 -8.78
N VAL A 50 -2.22 10.12 -9.10
CA VAL A 50 -3.24 11.12 -9.39
C VAL A 50 -2.80 11.90 -10.61
N GLY A 51 -3.69 12.01 -11.59
CA GLY A 51 -3.35 12.77 -12.78
C GLY A 51 -2.06 12.33 -13.43
N GLY A 52 -1.84 11.03 -13.51
CA GLY A 52 -0.65 10.53 -14.18
C GLY A 52 0.67 10.80 -13.50
N LEU A 53 0.65 11.34 -12.28
CA LEU A 53 1.85 11.48 -11.48
C LEU A 53 1.89 10.42 -10.38
N LEU A 54 3.07 9.89 -10.12
CA LEU A 54 3.27 8.89 -9.09
C LEU A 54 3.72 9.55 -7.80
N TYR A 55 3.02 9.25 -6.71
CA TYR A 55 3.30 9.85 -5.42
C TYR A 55 3.82 8.79 -4.47
N ALA A 56 4.93 9.10 -3.77
CA ALA A 56 5.46 8.30 -2.68
C ALA A 56 5.17 9.05 -1.39
N VAL A 57 4.49 8.38 -0.46
CA VAL A 57 3.96 9.02 0.75
C VAL A 57 4.53 8.33 1.98
N GLY A 58 5.14 9.11 2.89
CA GLY A 58 5.58 8.60 4.18
C GLY A 58 6.67 7.54 4.10
N GLY A 59 6.65 6.66 5.10
CA GLY A 59 7.65 5.62 5.26
C GLY A 59 8.70 5.94 6.31
N ARG A 60 9.85 5.28 6.17
CA ARG A 60 10.95 5.48 7.08
C ARG A 60 12.23 5.26 6.32
N ASN A 61 13.25 6.04 6.62
CA ASN A 61 14.58 5.73 6.09
C ASN A 61 15.32 4.93 7.15
N ASN A 62 15.48 3.60 6.94
CA ASN A 62 16.34 2.78 7.78
C ASN A 62 17.73 2.74 7.17
N SER A 63 18.72 3.27 7.88
CA SER A 63 20.07 3.35 7.37
C SER A 63 21.07 2.87 8.42
N PRO A 64 22.29 2.50 8.01
CA PRO A 64 23.30 2.15 9.01
C PRO A 64 23.48 3.22 10.08
N ASP A 65 23.21 4.49 9.76
CA ASP A 65 23.46 5.63 10.65
C ASP A 65 22.18 6.32 11.14
N GLY A 66 21.08 5.57 11.24
CA GLY A 66 19.86 6.11 11.80
C GLY A 66 18.58 5.63 11.15
N ASN A 67 17.45 5.86 11.82
CA ASN A 67 16.14 5.49 11.29
C ASN A 67 15.21 6.69 11.52
N THR A 68 14.81 7.36 10.43
CA THR A 68 13.97 8.56 10.49
C THR A 68 12.62 8.28 9.80
N ASP A 69 11.52 8.44 10.54
CA ASP A 69 10.17 8.35 9.97
C ASP A 69 9.92 9.57 9.11
N SER A 70 9.21 9.35 8.03
CA SER A 70 9.06 10.34 6.98
C SER A 70 7.67 10.96 6.97
N SER A 71 7.61 12.29 6.87
CA SER A 71 6.40 13.02 6.55
C SER A 71 6.36 13.40 5.08
N ALA A 72 7.28 12.86 4.28
CA ALA A 72 7.46 13.33 2.91
C ALA A 72 6.30 12.91 2.01
N LEU A 73 6.03 13.80 1.05
CA LEU A 73 5.24 13.47 -0.14
C LEU A 73 6.06 13.88 -1.35
N ASP A 74 6.55 12.90 -2.09
CA ASP A 74 7.34 13.16 -3.29
C ASP A 74 6.59 12.67 -4.50
N CYS A 75 6.74 13.38 -5.61
CA CYS A 75 5.97 13.05 -6.79
C CYS A 75 6.90 12.85 -7.97
N TYR A 76 6.63 11.82 -8.76
CA TYR A 76 7.46 11.41 -9.89
C TYR A 76 6.68 11.62 -11.17
N ASN A 77 7.29 12.30 -12.15
CA ASN A 77 6.67 12.48 -13.45
C ASN A 77 7.28 11.49 -14.42
N PRO A 78 6.51 10.54 -14.94
CA PRO A 78 7.05 9.62 -15.96
C PRO A 78 7.55 10.33 -17.22
N MET A 79 6.99 11.50 -17.54
CA MET A 79 7.43 12.22 -18.72
C MET A 79 8.87 12.71 -18.60
N THR A 80 9.31 13.02 -17.36
CA THR A 80 10.62 13.59 -17.12
C THR A 80 11.58 12.64 -16.42
N ASN A 81 11.09 11.53 -15.87
CA ASN A 81 11.90 10.63 -15.05
C ASN A 81 12.58 11.39 -13.92
N GLN A 82 11.86 12.33 -13.33
CA GLN A 82 12.35 13.12 -12.22
C GLN A 82 11.35 13.10 -11.07
N TRP A 83 11.88 13.04 -9.85
CA TRP A 83 11.12 13.26 -8.63
C TRP A 83 11.18 14.74 -8.26
N SER A 84 10.08 15.24 -7.69
CA SER A 84 10.00 16.57 -7.12
C SER A 84 9.42 16.48 -5.71
N PRO A 85 9.86 17.35 -4.79
N PRO A 85 9.88 17.32 -4.78
CA PRO A 85 9.22 17.40 -3.47
CA PRO A 85 9.21 17.39 -3.47
C PRO A 85 7.87 18.09 -3.54
C PRO A 85 7.85 18.07 -3.58
N CYS A 86 6.87 17.49 -2.90
CA CYS A 86 5.60 18.13 -2.61
C CYS A 86 5.53 18.50 -1.14
N ALA A 87 4.45 19.17 -0.77
CA ALA A 87 4.27 19.59 0.60
C ALA A 87 4.29 18.36 1.48
N SER A 88 4.90 18.50 2.65
CA SER A 88 4.96 17.41 3.62
C SER A 88 3.68 17.35 4.44
N MET A 89 3.42 16.16 4.95
CA MET A 89 2.31 15.89 5.84
C MET A 89 2.54 16.54 7.19
N SER A 90 1.49 16.56 8.00
CA SER A 90 1.56 17.19 9.31
C SER A 90 2.41 16.40 10.29
N VAL A 91 2.59 15.10 10.06
CA VAL A 91 3.35 14.23 10.96
C VAL A 91 4.04 13.15 10.13
N PRO A 92 5.16 12.62 10.63
CA PRO A 92 5.73 11.45 9.95
C PRO A 92 4.79 10.25 10.09
N ARG A 93 4.76 9.40 9.06
CA ARG A 93 3.89 8.21 9.04
C ARG A 93 4.66 7.05 8.41
N ASN A 94 5.27 6.21 9.25
CA ASN A 94 5.84 4.94 8.80
C ASN A 94 4.77 3.85 8.79
N ARG A 95 4.84 2.95 7.81
CA ARG A 95 3.90 1.83 7.71
C ARG A 95 2.52 2.42 7.55
N ILE A 96 2.44 3.34 6.58
CA ILE A 96 1.27 4.11 6.24
C ILE A 96 0.35 3.38 5.24
N GLY A 97 -0.90 3.80 5.21
CA GLY A 97 -1.83 3.40 4.17
C GLY A 97 -2.34 4.65 3.48
N VAL A 98 -2.53 4.57 2.16
N VAL A 98 -2.61 4.53 2.17
CA VAL A 98 -3.11 5.68 1.42
CA VAL A 98 -3.01 5.66 1.31
C VAL A 98 -4.23 5.22 0.50
C VAL A 98 -4.14 5.25 0.36
N GLY A 99 -5.09 6.16 0.16
CA GLY A 99 -6.18 5.95 -0.78
C GLY A 99 -6.50 7.27 -1.44
N VAL A 100 -7.03 7.20 -2.65
CA VAL A 100 -7.35 8.38 -3.45
C VAL A 100 -8.85 8.42 -3.68
N ILE A 101 -9.44 9.56 -3.37
CA ILE A 101 -10.84 9.83 -3.69
C ILE A 101 -10.90 11.13 -4.45
N ASP A 102 -11.43 11.09 -5.66
CA ASP A 102 -11.73 12.31 -6.40
C ASP A 102 -10.52 13.25 -6.48
N GLY A 103 -9.37 12.68 -6.85
CA GLY A 103 -8.16 13.46 -7.06
C GLY A 103 -7.46 13.89 -5.79
N HIS A 104 -7.91 13.44 -4.64
CA HIS A 104 -7.27 13.80 -3.37
C HIS A 104 -6.66 12.57 -2.73
N ILE A 105 -5.48 12.75 -2.13
CA ILE A 105 -4.77 11.66 -1.46
C ILE A 105 -5.10 11.69 0.03
N TYR A 106 -5.56 10.58 0.56
CA TYR A 106 -5.72 10.41 1.99
C TYR A 106 -4.57 9.57 2.55
N ALA A 107 -3.90 10.11 3.57
CA ALA A 107 -2.82 9.45 4.28
C ALA A 107 -3.38 8.99 5.60
N VAL A 108 -3.28 7.71 5.88
CA VAL A 108 -3.98 7.09 7.00
C VAL A 108 -2.99 6.44 7.96
N GLY A 109 -3.07 6.83 9.24
CA GLY A 109 -2.42 6.03 10.25
C GLY A 109 -0.89 6.11 10.20
N GLY A 110 -0.27 5.00 10.54
CA GLY A 110 1.18 4.91 10.52
C GLY A 110 1.79 5.25 11.86
N SER A 111 3.09 5.03 11.98
CA SER A 111 3.80 5.24 13.23
C SER A 111 4.77 6.41 13.14
N HIS A 112 5.09 6.95 14.31
CA HIS A 112 6.14 7.95 14.47
C HIS A 112 6.80 7.58 15.78
N GLY A 113 8.01 7.05 15.73
CA GLY A 113 8.58 6.52 16.96
C GLY A 113 7.64 5.48 17.51
N CYS A 114 7.40 5.55 18.83
CA CYS A 114 6.50 4.63 19.51
C CYS A 114 5.02 5.02 19.42
N ILE A 115 4.68 6.10 18.73
CA ILE A 115 3.29 6.54 18.60
C ILE A 115 2.66 5.79 17.44
N HIS A 116 1.45 5.35 17.64
CA HIS A 116 0.65 4.70 16.60
C HIS A 116 -0.50 5.66 16.31
N HIS A 117 -0.51 6.20 15.09
CA HIS A 117 -1.50 7.21 14.75
C HIS A 117 -2.89 6.65 14.48
N SER A 118 -3.92 7.35 14.97
CA SER A 118 -5.28 7.27 14.43
C SER A 118 -5.58 8.40 13.46
N SER A 119 -4.72 9.42 13.39
CA SER A 119 -4.98 10.61 12.59
C SER A 119 -4.91 10.30 11.10
N VAL A 120 -5.60 11.15 10.31
CA VAL A 120 -5.80 11.00 8.86
C VAL A 120 -5.74 12.39 8.24
N GLU A 121 -5.04 12.52 7.12
CA GLU A 121 -5.01 13.82 6.46
C GLU A 121 -5.14 13.66 4.96
N ARG A 122 -5.55 14.75 4.33
CA ARG A 122 -5.99 14.78 2.95
C ARG A 122 -5.20 15.79 2.15
N TYR A 123 -4.62 15.35 1.05
CA TYR A 123 -3.82 16.21 0.17
C TYR A 123 -4.59 16.64 -1.07
N GLU A 124 -4.41 17.90 -1.44
CA GLU A 124 -5.06 18.53 -2.57
C GLU A 124 -4.00 18.91 -3.59
N PRO A 125 -3.83 18.14 -4.66
CA PRO A 125 -2.71 18.40 -5.59
C PRO A 125 -2.77 19.79 -6.20
N GLU A 126 -3.98 20.30 -6.42
CA GLU A 126 -4.11 21.59 -7.07
C GLU A 126 -3.64 22.73 -6.16
N ARG A 127 -3.71 22.54 -4.85
CA ARG A 127 -3.24 23.54 -3.91
C ARG A 127 -1.91 23.19 -3.24
N ASP A 128 -1.37 22.01 -3.50
CA ASP A 128 -0.16 21.51 -2.83
C ASP A 128 -0.24 21.77 -1.32
N GLU A 129 -1.35 21.32 -0.73
CA GLU A 129 -1.63 21.53 0.69
C GLU A 129 -2.18 20.24 1.29
N TRP A 130 -1.84 20.00 2.56
CA TRP A 130 -2.46 18.95 3.35
C TRP A 130 -3.34 19.55 4.44
N HIS A 131 -4.41 18.85 4.79
CA HIS A 131 -5.26 19.22 5.92
C HIS A 131 -5.77 17.99 6.64
N LEU A 132 -5.86 18.05 7.94
CA LEU A 132 -6.33 16.91 8.70
C LEU A 132 -7.83 16.71 8.51
N VAL A 133 -8.27 15.45 8.55
CA VAL A 133 -9.67 15.10 8.61
C VAL A 133 -9.92 14.33 9.89
N ALA A 134 -11.12 13.78 10.02
CA ALA A 134 -11.46 13.04 11.23
C ALA A 134 -10.52 11.85 11.41
N PRO A 135 -10.06 11.59 12.62
CA PRO A 135 -9.19 10.43 12.85
C PRO A 135 -10.03 9.17 12.89
N MET A 136 -9.37 8.03 12.63
CA MET A 136 -10.02 6.76 12.74
C MET A 136 -10.42 6.44 14.18
N LEU A 137 -11.30 5.41 14.31
CA LEU A 137 -11.73 4.94 15.62
C LEU A 137 -10.66 4.13 16.34
N THR A 138 -9.62 3.74 15.63
CA THR A 138 -8.57 2.84 16.12
C THR A 138 -7.25 3.36 15.59
N ARG A 139 -6.23 3.36 16.43
CA ARG A 139 -4.87 3.62 15.97
C ARG A 139 -4.42 2.45 15.13
N ARG A 140 -3.86 2.73 13.95
CA ARG A 140 -3.44 1.65 13.07
C ARG A 140 -2.15 1.97 12.36
N ILE A 141 -1.17 1.08 12.49
CA ILE A 141 -0.01 1.06 11.63
C ILE A 141 0.04 -0.26 10.91
N GLY A 142 0.75 -0.28 9.79
CA GLY A 142 0.70 -1.45 8.93
C GLY A 142 -0.69 -1.69 8.40
N VAL A 143 -1.43 -0.60 8.18
CA VAL A 143 -2.83 -0.63 7.82
C VAL A 143 -2.98 -0.73 6.32
N GLY A 144 -3.94 -1.51 5.87
CA GLY A 144 -4.25 -1.58 4.46
C GLY A 144 -5.37 -0.59 4.17
N VAL A 145 -5.24 0.14 3.08
CA VAL A 145 -6.22 1.17 2.74
C VAL A 145 -6.62 0.99 1.29
N ALA A 146 -7.91 1.09 1.02
CA ALA A 146 -8.39 1.05 -0.35
C ALA A 146 -9.65 1.88 -0.43
N VAL A 147 -10.04 2.22 -1.65
CA VAL A 147 -11.18 3.07 -1.93
C VAL A 147 -12.13 2.33 -2.85
N LEU A 148 -13.39 2.23 -2.43
CA LEU A 148 -14.37 1.63 -3.29
C LEU A 148 -15.60 2.53 -3.21
N ASN A 149 -16.15 2.90 -4.36
CA ASN A 149 -17.36 3.72 -4.42
C ASN A 149 -17.19 5.00 -3.61
N ARG A 150 -16.01 5.61 -3.75
CA ARG A 150 -15.70 6.89 -3.11
C ARG A 150 -15.92 6.87 -1.61
N LEU A 151 -15.67 5.72 -1.00
CA LEU A 151 -15.55 5.54 0.44
C LEU A 151 -14.15 4.97 0.73
N LEU A 152 -13.57 5.37 1.86
CA LEU A 152 -12.20 5.03 2.20
C LEU A 152 -12.20 3.96 3.28
N TYR A 153 -11.48 2.84 3.08
CA TYR A 153 -11.46 1.71 4.00
C TYR A 153 -10.10 1.55 4.62
N ALA A 154 -10.07 1.36 5.94
CA ALA A 154 -8.85 1.07 6.69
C ALA A 154 -8.98 -0.30 7.33
N VAL A 155 -8.06 -1.20 7.00
CA VAL A 155 -8.22 -2.62 7.23
C VAL A 155 -7.03 -3.14 8.01
N GLY A 156 -7.29 -3.71 9.19
CA GLY A 156 -6.26 -4.38 9.94
C GLY A 156 -5.23 -3.40 10.48
N GLY A 157 -4.00 -3.90 10.67
CA GLY A 157 -2.90 -3.12 11.21
C GLY A 157 -2.55 -3.55 12.62
N PHE A 158 -1.82 -2.67 13.30
CA PHE A 158 -1.35 -2.87 14.67
C PHE A 158 -1.60 -1.57 15.44
N ASP A 159 -2.26 -1.66 16.60
CA ASP A 159 -2.61 -0.47 17.38
C ASP A 159 -1.60 -0.14 18.47
N GLY A 160 -0.52 -0.90 18.59
CA GLY A 160 0.47 -0.68 19.62
C GLY A 160 0.45 -1.73 20.68
N THR A 161 -0.62 -2.51 20.75
CA THR A 161 -0.77 -3.61 21.69
C THR A 161 -1.18 -4.89 20.99
N ASN A 162 -2.18 -4.80 20.11
CA ASN A 162 -2.77 -5.94 19.44
C ASN A 162 -2.71 -5.73 17.92
N ARG A 163 -2.40 -6.80 17.20
CA ARG A 163 -2.69 -6.82 15.78
C ARG A 163 -4.18 -7.04 15.59
N LEU A 164 -4.70 -6.53 14.48
CA LEU A 164 -6.11 -6.27 14.34
C LEU A 164 -6.73 -7.06 13.19
N ASN A 165 -7.90 -7.63 13.43
CA ASN A 165 -8.80 -8.02 12.34
C ASN A 165 -9.88 -6.98 12.01
N SER A 166 -9.99 -5.94 12.80
CA SER A 166 -11.06 -4.97 12.61
C SER A 166 -10.81 -4.13 11.38
N ALA A 167 -11.85 -3.43 10.95
CA ALA A 167 -11.78 -2.59 9.76
C ALA A 167 -12.81 -1.49 9.92
N GLU A 168 -12.61 -0.38 9.19
CA GLU A 168 -13.54 0.74 9.28
C GLU A 168 -13.57 1.53 8.00
N CYS A 169 -14.63 2.31 7.84
CA CYS A 169 -14.99 2.96 6.59
C CYS A 169 -15.16 4.44 6.90
N TYR A 170 -14.59 5.29 6.04
CA TYR A 170 -14.71 6.75 6.17
C TYR A 170 -15.67 7.28 5.13
N TYR A 171 -16.60 8.13 5.58
CA TYR A 171 -17.60 8.73 4.70
C TYR A 171 -17.27 10.20 4.53
N PRO A 172 -16.73 10.61 3.39
CA PRO A 172 -16.18 11.96 3.32
C PRO A 172 -17.20 13.06 3.57
N GLU A 173 -18.43 12.85 3.12
CA GLU A 173 -19.40 13.92 3.23
C GLU A 173 -19.87 14.12 4.67
N ARG A 174 -19.69 13.14 5.54
CA ARG A 174 -19.93 13.36 6.95
C ARG A 174 -18.70 13.51 7.79
N ASN A 175 -17.52 13.42 7.19
CA ASN A 175 -16.23 13.41 7.90
C ASN A 175 -16.31 12.49 9.12
N GLU A 176 -16.64 11.24 8.86
N GLU A 176 -16.63 11.24 8.85
CA GLU A 176 -17.01 10.32 9.92
CA GLU A 176 -17.03 10.29 9.88
C GLU A 176 -16.53 8.92 9.57
C GLU A 176 -16.47 8.91 9.54
N TRP A 177 -16.02 8.20 10.57
CA TRP A 177 -15.60 6.81 10.45
C TRP A 177 -16.60 5.91 11.18
N ARG A 178 -16.85 4.73 10.59
CA ARG A 178 -17.68 3.71 11.20
C ARG A 178 -17.04 2.35 11.01
N MET A 179 -17.15 1.51 12.05
CA MET A 179 -16.68 0.13 11.93
C MET A 179 -17.45 -0.62 10.86
N ILE A 180 -16.76 -1.50 10.13
CA ILE A 180 -17.42 -2.48 9.28
C ILE A 180 -17.19 -3.88 9.86
N THR A 181 -17.73 -4.89 9.22
CA THR A 181 -17.51 -6.26 9.64
C THR A 181 -16.02 -6.55 9.73
N PRO A 182 -15.54 -7.14 10.82
CA PRO A 182 -14.13 -7.50 10.89
C PRO A 182 -13.80 -8.66 9.98
N MET A 183 -12.53 -8.74 9.61
CA MET A 183 -12.02 -9.84 8.79
C MET A 183 -12.09 -11.12 9.61
N ASN A 184 -12.01 -12.27 8.91
CA ASN A 184 -11.88 -13.54 9.60
C ASN A 184 -10.52 -13.74 10.24
N THR A 185 -9.52 -13.00 9.78
CA THR A 185 -8.11 -13.18 10.17
C THR A 185 -7.52 -11.87 10.64
N ILE A 186 -6.72 -11.94 11.70
CA ILE A 186 -5.88 -10.82 12.11
C ILE A 186 -4.81 -10.59 11.06
N ARG A 187 -4.68 -9.35 10.58
CA ARG A 187 -3.65 -9.11 9.56
C ARG A 187 -3.04 -7.73 9.77
N SER A 188 -1.71 -7.72 9.96
CA SER A 188 -0.90 -6.51 9.99
C SER A 188 0.07 -6.58 8.82
N GLY A 189 0.14 -5.53 8.03
CA GLY A 189 1.02 -5.54 6.86
C GLY A 189 0.48 -6.39 5.74
N ALA A 190 -0.82 -6.46 5.62
CA ALA A 190 -1.43 -7.12 4.47
C ALA A 190 -1.37 -6.21 3.27
N GLY A 191 -1.49 -6.79 2.11
CA GLY A 191 -1.80 -5.98 0.94
C GLY A 191 -3.30 -5.82 0.76
N VAL A 192 -3.78 -4.58 0.65
CA VAL A 192 -5.22 -4.30 0.54
C VAL A 192 -5.47 -3.50 -0.72
N CYS A 193 -6.43 -3.95 -1.51
CA CYS A 193 -6.79 -3.26 -2.74
C CYS A 193 -8.25 -3.53 -3.05
N VAL A 194 -8.71 -2.98 -4.17
CA VAL A 194 -10.09 -3.09 -4.62
C VAL A 194 -10.10 -3.71 -5.98
N LEU A 195 -10.99 -4.69 -6.19
CA LEU A 195 -11.18 -5.31 -7.49
C LEU A 195 -12.66 -5.60 -7.62
N HIS A 196 -13.29 -4.98 -8.60
CA HIS A 196 -14.74 -5.09 -8.82
C HIS A 196 -15.43 -4.50 -7.60
N ASN A 197 -16.30 -5.22 -6.92
CA ASN A 197 -17.03 -4.63 -5.80
C ASN A 197 -16.50 -5.08 -4.47
N CYS A 198 -15.28 -5.58 -4.43
CA CYS A 198 -14.75 -6.13 -3.21
C CYS A 198 -13.42 -5.52 -2.82
N ILE A 199 -13.23 -5.46 -1.52
CA ILE A 199 -11.94 -5.10 -0.93
C ILE A 199 -11.23 -6.41 -0.65
N TYR A 200 -10.01 -6.59 -1.18
CA TYR A 200 -9.21 -7.77 -0.90
C TYR A 200 -8.15 -7.45 0.14
N ALA A 201 -7.92 -8.41 1.05
CA ALA A 201 -6.84 -8.38 2.02
C ALA A 201 -6.03 -9.66 1.82
N ALA A 202 -4.80 -9.52 1.37
CA ALA A 202 -3.93 -10.62 1.00
C ALA A 202 -2.73 -10.66 1.94
N GLY A 203 -2.52 -11.80 2.57
CA GLY A 203 -1.35 -12.01 3.39
C GLY A 203 -1.39 -11.19 4.67
N GLY A 204 -0.20 -10.79 5.11
CA GLY A 204 -0.03 -10.04 6.35
C GLY A 204 0.58 -10.91 7.42
N TYR A 205 0.70 -10.34 8.61
CA TYR A 205 1.20 -11.02 9.80
C TYR A 205 0.13 -11.02 10.87
N ASP A 206 -0.17 -12.20 11.43
CA ASP A 206 -1.28 -12.37 12.37
C ASP A 206 -0.83 -12.35 13.82
N GLY A 207 0.43 -12.00 14.09
CA GLY A 207 1.02 -12.09 15.39
C GLY A 207 1.92 -13.30 15.58
N GLN A 208 1.75 -14.32 14.73
CA GLN A 208 2.47 -15.58 14.83
C GLN A 208 3.21 -15.90 13.54
N ASP A 209 2.52 -15.94 12.40
N ASP A 209 2.51 -15.94 12.42
CA ASP A 209 3.12 -16.37 11.14
CA ASP A 209 3.07 -16.35 11.14
C ASP A 209 2.69 -15.45 10.02
C ASP A 209 2.74 -15.34 10.07
N GLN A 210 3.55 -15.35 9.00
CA GLN A 210 3.17 -14.70 7.77
C GLN A 210 2.13 -15.56 7.08
N LEU A 211 1.20 -14.90 6.41
CA LEU A 211 -0.01 -15.53 5.90
C LEU A 211 0.05 -15.62 4.37
N ASN A 212 -0.48 -16.69 3.82
CA ASN A 212 -0.79 -16.72 2.40
C ASN A 212 -2.28 -16.62 2.10
N SER A 213 -3.13 -16.61 3.13
CA SER A 213 -4.56 -16.57 2.90
C SER A 213 -4.98 -15.20 2.39
N VAL A 214 -6.07 -15.18 1.64
CA VAL A 214 -6.61 -13.96 1.06
C VAL A 214 -8.11 -13.93 1.32
N GLU A 215 -8.64 -12.79 1.73
CA GLU A 215 -10.08 -12.72 1.92
C GLU A 215 -10.59 -11.44 1.28
N ARG A 216 -11.86 -11.44 0.97
CA ARG A 216 -12.43 -10.27 0.31
C ARG A 216 -13.76 -9.90 0.91
N TYR A 217 -13.99 -8.59 0.96
CA TYR A 217 -15.16 -7.98 1.58
C TYR A 217 -16.09 -7.52 0.47
N ASP A 218 -17.28 -8.07 0.45
CA ASP A 218 -18.31 -7.62 -0.48
C ASP A 218 -19.10 -6.51 0.20
N VAL A 219 -19.06 -5.31 -0.38
CA VAL A 219 -19.66 -4.15 0.28
C VAL A 219 -21.16 -4.35 0.39
N GLU A 220 -21.74 -5.15 -0.50
CA GLU A 220 -23.20 -5.28 -0.52
C GLU A 220 -23.68 -6.24 0.56
N THR A 221 -22.99 -7.36 0.75
CA THR A 221 -23.32 -8.36 1.76
C THR A 221 -22.66 -8.08 3.12
N GLU A 222 -21.66 -7.22 3.16
CA GLU A 222 -20.92 -6.93 4.39
C GLU A 222 -20.27 -8.19 4.98
N THR A 223 -19.84 -9.08 4.11
CA THR A 223 -19.19 -10.31 4.55
C THR A 223 -17.78 -10.41 3.98
N TRP A 224 -16.91 -11.04 4.75
CA TRP A 224 -15.59 -11.41 4.28
C TRP A 224 -15.57 -12.89 3.90
N THR A 225 -15.08 -13.20 2.69
CA THR A 225 -14.96 -14.56 2.22
C THR A 225 -13.55 -14.85 1.76
N PHE A 226 -13.02 -16.00 2.14
CA PHE A 226 -11.70 -16.39 1.65
C PHE A 226 -11.74 -16.77 0.15
N VAL A 227 -10.68 -16.41 -0.57
CA VAL A 227 -10.49 -16.85 -1.95
C VAL A 227 -9.25 -17.74 -1.96
N ALA A 228 -8.79 -18.11 -3.16
CA ALA A 228 -7.62 -18.95 -3.25
C ALA A 228 -6.46 -18.29 -2.50
N PRO A 229 -5.65 -19.05 -1.77
CA PRO A 229 -4.47 -18.48 -1.13
C PRO A 229 -3.36 -18.25 -2.16
N MET A 230 -2.45 -17.33 -1.81
CA MET A 230 -1.28 -17.09 -2.64
C MET A 230 -0.33 -18.29 -2.55
N ARG A 231 0.58 -18.37 -3.52
CA ARG A 231 1.56 -19.44 -3.48
C ARG A 231 2.52 -19.27 -2.32
N HIS A 232 2.82 -18.02 -1.95
CA HIS A 232 3.77 -17.73 -0.89
C HIS A 232 3.12 -16.99 0.27
N HIS A 233 3.53 -17.36 1.47
CA HIS A 233 3.29 -16.53 2.64
C HIS A 233 4.01 -15.20 2.45
N ARG A 234 3.30 -14.10 2.69
CA ARG A 234 3.92 -12.79 2.60
C ARG A 234 3.31 -11.77 3.56
N SER A 235 4.18 -10.99 4.21
CA SER A 235 3.78 -9.80 4.94
C SER A 235 4.60 -8.63 4.43
N ALA A 236 4.09 -7.42 4.67
CA ALA A 236 4.68 -6.17 4.16
C ALA A 236 4.91 -6.25 2.64
N LEU A 237 3.87 -6.70 1.93
CA LEU A 237 3.93 -6.87 0.49
C LEU A 237 3.39 -5.64 -0.22
N GLY A 238 3.89 -5.41 -1.43
CA GLY A 238 3.27 -4.46 -2.31
C GLY A 238 2.07 -5.08 -3.05
N ILE A 239 1.10 -4.23 -3.39
CA ILE A 239 -0.11 -4.73 -4.03
C ILE A 239 -0.69 -3.65 -4.93
N THR A 240 -1.25 -4.08 -6.06
CA THR A 240 -1.97 -3.17 -6.92
C THR A 240 -2.87 -3.98 -7.83
N VAL A 241 -3.69 -3.28 -8.60
CA VAL A 241 -4.60 -3.91 -9.54
C VAL A 241 -4.32 -3.36 -10.91
N HIS A 242 -4.35 -4.23 -11.90
CA HIS A 242 -4.07 -3.84 -13.27
C HIS A 242 -4.80 -4.79 -14.19
N GLN A 243 -5.63 -4.25 -15.07
CA GLN A 243 -6.44 -4.99 -16.02
C GLN A 243 -7.16 -6.16 -15.37
N GLY A 244 -7.85 -5.86 -14.29
CA GLY A 244 -8.77 -6.81 -13.70
C GLY A 244 -8.12 -7.93 -12.92
N LYS A 245 -6.84 -7.78 -12.60
N LYS A 245 -6.85 -7.77 -12.58
CA LYS A 245 -6.10 -8.78 -11.82
CA LYS A 245 -6.09 -8.76 -11.83
C LYS A 245 -5.33 -8.06 -10.71
C LYS A 245 -5.32 -8.07 -10.71
N ILE A 246 -5.15 -8.77 -9.60
CA ILE A 246 -4.34 -8.30 -8.49
C ILE A 246 -2.92 -8.75 -8.71
N TYR A 247 -1.98 -7.85 -8.49
CA TYR A 247 -0.55 -8.20 -8.47
C TYR A 247 0.01 -7.95 -7.08
N VAL A 248 0.64 -8.97 -6.49
CA VAL A 248 1.36 -8.82 -5.24
C VAL A 248 2.85 -8.90 -5.52
N LEU A 249 3.61 -8.01 -4.90
CA LEU A 249 5.05 -7.90 -5.12
C LEU A 249 5.79 -8.01 -3.81
N GLY A 250 6.69 -8.99 -3.74
CA GLY A 250 7.67 -9.00 -2.67
C GLY A 250 7.06 -9.36 -1.33
N GLY A 251 7.65 -8.83 -0.26
CA GLY A 251 7.22 -9.09 1.09
C GLY A 251 8.19 -10.01 1.80
N TYR A 252 7.85 -10.36 3.03
CA TYR A 252 8.69 -11.19 3.88
C TYR A 252 7.89 -12.44 4.24
N ASP A 253 8.48 -13.63 3.98
CA ASP A 253 7.75 -14.89 4.14
C ASP A 253 8.15 -15.64 5.40
N GLY A 254 8.92 -15.00 6.28
CA GLY A 254 9.46 -15.65 7.45
C GLY A 254 10.93 -16.00 7.34
N HIS A 255 11.44 -16.17 6.15
CA HIS A 255 12.78 -16.70 5.86
C HIS A 255 13.55 -15.87 4.85
N THR A 256 12.85 -15.35 3.86
CA THR A 256 13.43 -14.65 2.73
C THR A 256 12.66 -13.36 2.50
N PHE A 257 13.35 -12.37 1.96
CA PHE A 257 12.68 -11.25 1.34
C PHE A 257 12.40 -11.66 -0.10
N LEU A 258 11.12 -11.76 -0.42
CA LEU A 258 10.71 -12.40 -1.65
C LEU A 258 10.96 -11.50 -2.84
N ASP A 259 11.37 -12.10 -3.96
CA ASP A 259 11.34 -11.36 -5.20
C ASP A 259 10.12 -11.73 -6.03
N SER A 260 9.34 -12.72 -5.59
N SER A 260 9.34 -12.74 -5.62
CA SER A 260 8.21 -13.22 -6.36
CA SER A 260 8.28 -13.24 -6.48
C SER A 260 7.18 -12.14 -6.61
C SER A 260 7.16 -12.23 -6.61
N VAL A 261 6.60 -12.14 -7.81
CA VAL A 261 5.37 -11.39 -8.12
C VAL A 261 4.32 -12.41 -8.53
N GLU A 262 3.16 -12.40 -7.84
CA GLU A 262 2.03 -13.27 -8.16
C GLU A 262 0.85 -12.45 -8.66
N CYS A 263 0.03 -13.07 -9.48
CA CYS A 263 -1.11 -12.42 -10.13
C CYS A 263 -2.34 -13.27 -9.83
N TYR A 264 -3.39 -12.62 -9.31
CA TYR A 264 -4.67 -13.25 -9.03
C TYR A 264 -5.68 -12.92 -10.12
N ASP A 265 -6.26 -13.95 -10.73
CA ASP A 265 -7.32 -13.87 -11.70
C ASP A 265 -8.62 -14.20 -10.97
N PRO A 266 -9.53 -13.23 -10.79
CA PRO A 266 -10.79 -13.52 -10.05
C PRO A 266 -11.71 -14.47 -10.80
N ASP A 267 -11.60 -14.55 -12.12
CA ASP A 267 -12.52 -15.39 -12.88
C ASP A 267 -12.23 -16.87 -12.67
N SER A 268 -10.95 -17.25 -12.54
CA SER A 268 -10.58 -18.62 -12.27
C SER A 268 -10.27 -18.88 -10.81
N ASP A 269 -10.19 -17.83 -9.98
CA ASP A 269 -9.82 -17.94 -8.57
C ASP A 269 -8.51 -18.68 -8.42
N THR A 270 -7.49 -18.20 -9.14
CA THR A 270 -6.17 -18.79 -9.11
C THR A 270 -5.11 -17.70 -9.05
N TRP A 271 -3.99 -18.04 -8.44
CA TRP A 271 -2.79 -17.21 -8.38
C TRP A 271 -1.76 -17.86 -9.29
N SER A 272 -1.07 -17.04 -10.07
CA SER A 272 0.03 -17.53 -10.90
C SER A 272 1.24 -16.64 -10.67
N GLU A 273 2.42 -17.25 -10.67
CA GLU A 273 3.68 -16.48 -10.61
C GLU A 273 3.97 -15.90 -11.98
N VAL A 274 4.16 -14.60 -12.08
CA VAL A 274 4.27 -13.97 -13.39
C VAL A 274 5.64 -13.38 -13.69
N THR A 275 6.43 -13.05 -12.67
CA THR A 275 7.75 -12.46 -12.85
C THR A 275 8.44 -12.42 -11.51
N ARG A 276 9.67 -11.96 -11.52
CA ARG A 276 10.45 -11.76 -10.32
C ARG A 276 10.97 -10.33 -10.39
N MET A 277 10.92 -9.64 -9.26
CA MET A 277 11.63 -8.38 -9.13
C MET A 277 13.13 -8.60 -9.29
N THR A 278 13.85 -7.51 -9.54
CA THR A 278 15.31 -7.59 -9.73
C THR A 278 16.03 -8.02 -8.46
N SER A 279 15.41 -7.84 -7.29
CA SER A 279 15.96 -8.32 -6.03
C SER A 279 14.82 -8.44 -5.03
N GLY A 280 14.99 -9.33 -4.05
CA GLY A 280 13.96 -9.49 -3.03
C GLY A 280 13.91 -8.29 -2.11
N ARG A 281 12.70 -7.95 -1.66
CA ARG A 281 12.48 -6.80 -0.79
C ARG A 281 11.07 -6.83 -0.20
N SER A 282 10.89 -6.09 0.88
CA SER A 282 9.58 -5.90 1.47
C SER A 282 9.29 -4.42 1.67
N GLY A 283 8.06 -4.11 2.07
CA GLY A 283 7.73 -2.74 2.47
C GLY A 283 7.77 -1.71 1.36
N VAL A 284 7.40 -2.12 0.14
CA VAL A 284 7.43 -1.26 -1.02
C VAL A 284 6.10 -0.52 -1.21
N GLY A 285 6.17 0.59 -1.94
CA GLY A 285 4.98 1.27 -2.44
C GLY A 285 4.77 0.94 -3.91
N VAL A 286 3.53 0.69 -4.29
CA VAL A 286 3.22 0.21 -5.64
C VAL A 286 2.05 1.00 -6.20
N ALA A 287 2.11 1.34 -7.48
CA ALA A 287 1.02 2.02 -8.15
C ALA A 287 1.21 1.88 -9.65
N VAL A 288 0.15 2.17 -10.38
CA VAL A 288 0.11 1.98 -11.83
C VAL A 288 -0.08 3.32 -12.52
N THR A 289 0.77 3.60 -13.52
CA THR A 289 0.61 4.78 -14.37
C THR A 289 1.29 4.54 -15.72
N MET A 290 1.28 5.56 -16.58
CA MET A 290 1.80 5.39 -17.93
C MET A 290 3.30 5.12 -17.93
N GLU A 291 3.79 4.61 -19.08
CA GLU A 291 5.21 4.35 -19.25
C GLU A 291 6.01 5.65 -19.16
N PRO A 292 7.28 5.57 -18.76
CA PRO A 292 8.13 6.77 -18.69
C PRO A 292 8.63 7.20 -20.08
N CYS A 293 9.35 8.33 -20.08
CA CYS A 293 9.95 8.89 -21.28
C CYS A 293 8.93 9.08 -22.39
O1 A1IX1 B . 9.54 -4.02 5.26
O2 A1IX1 B . 8.34 -1.75 5.76
N1 A1IX1 B . 10.45 -4.29 7.35
C1 A1IX1 B . 9.87 -3.56 6.34
C2 A1IX1 B . 10.76 -5.72 7.27
C3 A1IX1 B . 11.66 -6.25 8.46
C4 A1IX1 B . 11.06 -6.22 9.90
C5 A1IX1 B . 9.70 -6.94 10.12
C6 A1IX1 B . 8.54 -6.16 9.47
O3 A1IX1 B . 6.16 -9.67 10.17
O4 A1IX1 B . 8.03 -9.24 12.21
C10 A1IX1 B . 7.19 -2.20 6.33
C11 A1IX1 B . 7.08 -2.96 7.50
C12 A1IX1 B . 5.82 -3.35 7.98
C13 A1IX1 B . 5.66 -4.12 9.16
C14 A1IX1 B . 4.41 -4.49 9.59
C15 A1IX1 B . 4.16 -5.33 10.82
C16 A1IX1 B . 5.21 -6.38 11.19
C17 A1IX1 B . 5.20 -7.57 10.50
C18 A1IX1 B . 6.15 -8.51 10.86
C19 A1IX1 B . 7.53 -9.90 9.84
C20 A1IX1 B . 8.34 -10.15 11.13
C21 A1IX1 B . 7.09 -8.30 11.87
C22 A1IX1 B . 7.10 -7.12 12.57
C23 A1IX1 B . 6.14 -6.16 12.22
C24 A1IX1 B . 3.76 -4.49 12.03
C25 A1IX1 B . 3.35 -5.36 13.20
C26 A1IX1 B . 3.30 -4.10 8.88
C27 A1IX1 B . 3.42 -3.37 7.72
C28 A1IX1 B . 4.67 -2.96 7.25
C29 A1IX1 B . 4.80 -2.21 6.08
C30 A1IX1 B . 6.00 -1.85 5.62
C7 A1IX1 B . 8.31 -6.44 7.98
C8 A1IX1 B . 9.57 -6.70 7.12
C9 A1IX1 B . 9.59 -2.08 6.41
O5 A1IX1 B . 3.98 -4.91 14.31
O6 A1IX1 B . 2.57 -6.32 13.14
HN1 A1IX1 B . 10.70 -3.85 8.22
HC2 A1IX1 B . 11.32 -5.84 6.35
H31 A1IX1 B . 12.60 -5.71 8.46
H32 A1IX1 B . 12.00 -7.25 8.23
H42 A1IX1 B . 10.97 -5.19 10.24
H41 A1IX1 B . 11.79 -6.62 10.60
H51 A1IX1 B . 9.52 -7.06 11.18
H52 A1IX1 B . 9.74 -7.95 9.69
H62 A1IX1 B . 8.71 -5.10 9.62
H61 A1IX1 B . 7.63 -6.35 10.03
HC11 A1IX1 B . 7.98 -3.24 8.03
HC13 A1IX1 B . 6.53 -4.42 9.73
HC15 A1IX1 B . 3.30 -5.93 10.54
HC17 A1IX1 B . 4.47 -7.75 9.72
H191 A1IX1 B . 7.60 -10.79 9.20
H192 A1IX1 B . 7.93 -9.04 9.32
H202 A1IX1 B . 9.40 -10.08 10.90
H201 A1IX1 B . 8.16 -11.16 11.47
HC22 A1IX1 B . 7.82 -6.95 13.35
HC23 A1IX1 B . 6.14 -5.23 12.76
H242 A1IX1 B . 2.94 -3.83 11.77
H241 A1IX1 B . 4.61 -3.85 12.33
HC26 A1IX1 B . 2.31 -4.37 9.22
HC27 A1IX1 B . 2.54 -3.09 7.16
HC29 A1IX1 B . 3.91 -1.90 5.54
HC30 A1IX1 B . 6.08 -1.28 4.71
H71 A1IX1 B . 7.74 -5.63 7.54
H72 A1IX1 B . 7.62 -7.29 7.87
H82 A1IX1 B . 9.92 -7.72 7.29
H81 A1IX1 B . 9.29 -6.77 6.08
H91 A1IX1 B . 10.39 -1.53 5.92
H92 A1IX1 B . 9.55 -1.76 7.45
S SO4 C . -25.46 13.90 4.15
O1 SO4 C . -25.19 14.09 5.57
O2 SO4 C . -26.78 14.50 3.86
O3 SO4 C . -24.47 14.64 3.42
O4 SO4 C . -25.44 12.49 3.77
S SO4 D . 0.08 4.52 21.27
O1 SO4 D . 1.12 3.51 21.09
O2 SO4 D . 0.27 5.23 22.55
O3 SO4 D . 0.14 5.48 20.16
O4 SO4 D . -1.23 3.83 21.26
S SO4 E . 10.33 -0.65 9.97
O1 SO4 E . 10.70 0.08 11.20
O2 SO4 E . 9.12 0.00 9.45
O3 SO4 E . 11.39 -0.55 8.96
O4 SO4 E . 10.10 -2.07 10.24
S SO4 F . 11.27 13.50 6.15
O1 SO4 F . 12.47 14.00 6.89
O2 SO4 F . 10.15 13.50 7.07
O3 SO4 F . 10.95 14.36 5.03
O4 SO4 F . 11.58 12.15 5.61
S DMS G . -6.20 -0.49 -6.15
O DMS G . -6.93 -0.43 -4.85
C1 DMS G . -5.34 1.06 -6.54
C2 DMS G . -7.46 -0.47 -7.46
H11 DMS G . -4.81 0.95 -7.45
H12 DMS G . -4.66 1.29 -5.76
H13 DMS G . -6.05 1.84 -6.62
H21 DMS G . -7.00 -0.61 -8.40
H22 DMS G . -7.96 0.47 -7.45
H23 DMS G . -8.16 -1.23 -7.28
S DMS H . -5.44 21.83 8.94
O DMS H . -4.57 20.60 9.02
C1 DMS H . -4.44 23.17 8.22
C2 DMS H . -5.67 22.47 10.63
H11 DMS H . -3.81 23.58 8.97
H12 DMS H . -5.08 23.92 7.85
H13 DMS H . -3.85 22.79 7.44
H21 DMS H . -4.74 22.78 11.02
H22 DMS H . -6.08 21.71 11.23
H23 DMS H . -6.33 23.29 10.59
S DMS I . -17.27 16.68 12.14
O DMS I . -16.99 17.39 10.86
C1 DMS I . -15.68 16.23 12.92
C2 DMS I . -17.93 15.02 11.82
H11 DMS I . -15.86 15.79 13.86
H12 DMS I . -15.10 17.11 13.06
H13 DMS I . -15.15 15.56 12.30
H21 DMS I . -18.23 14.58 12.74
H22 DMS I . -17.19 14.42 11.37
H23 DMS I . -18.77 15.10 11.18
S DMS J . -25.32 9.50 12.61
O DMS J . -24.63 10.36 11.58
C1 DMS J . -26.27 8.20 11.79
C2 DMS J . -26.63 10.35 13.52
H11 DMS J . -25.93 7.26 12.13
H12 DMS J . -26.14 8.28 10.74
H13 DMS J . -27.29 8.31 12.03
H21 DMS J . -26.99 9.71 14.28
H22 DMS J . -27.42 10.61 12.86
H23 DMS J . -26.24 11.23 13.96
S DMS K . 9.59 -19.87 -6.01
O DMS K . 8.23 -20.36 -6.34
C1 DMS K . 10.01 -20.19 -4.28
C2 DMS K . 9.62 -18.05 -5.84
H11 DMS K . 10.91 -20.75 -4.23
H12 DMS K . 9.23 -20.75 -3.83
H13 DMS K . 10.13 -19.27 -3.76
H21 DMS K . 9.46 -17.62 -6.79
H22 DMS K . 10.55 -17.75 -5.45
H23 DMS K . 8.85 -17.75 -5.18
#